data_4HLG
#
_entry.id   4HLG
#
_cell.length_a   93.970
_cell.length_b   95.570
_cell.length_c   118.250
_cell.angle_alpha   90.00
_cell.angle_beta   90.00
_cell.angle_gamma   90.00
#
_symmetry.space_group_name_H-M   'C 2 2 21'
#
loop_
_entity.id
_entity.type
_entity.pdbx_description
1 polymer Tankyrase-2
2 polymer Tankyrase-2
3 non-polymer 'SULFATE ION'
4 non-polymer 2-(3-hydroxyphenyl)-4H-chromen-4-one
5 non-polymer 'ZINC ION'
6 non-polymer GLYCEROL
7 water water
#
loop_
_entity_poly.entity_id
_entity_poly.type
_entity_poly.pdbx_seq_one_letter_code
_entity_poly.pdbx_strand_id
1 'polypeptide(L)'
;MHHHHHHSSGVDLGTENLYFQSMLNTSGSGTILIDLSPDDKEFQSVEEEMQSTVREHRDGGHAGGIFNRYNILKIQKVCN
KKLWERYTHRRKEVSEENHNHANERMLFHGSPFVNAIIHKGFDERHAYIGGMFGAGIYFAENSSKSNQYVYGIGGGTGCP
VHKDRSCYICHRQLLFCRVTLGKSFLQFSAM
;
A,B
2 'polypeptide(L)' KMAHSPPGHHSVTGRPSVNGLALAEYVIYRGEQAYPEYLITYQIMRPEG C,D
#
loop_
_chem_comp.id
_chem_comp.type
_chem_comp.name
_chem_comp.formula
20B non-polymer 2-(3-hydroxyphenyl)-4H-chromen-4-one 'C15 H10 O3'
GOL non-polymer GLYCEROL 'C3 H8 O3'
SO4 non-polymer 'SULFATE ION' 'O4 S -2'
ZN non-polymer 'ZINC ION' 'Zn 2'
#
# COMPACT_ATOMS: atom_id res chain seq x y z
N GLY A 30 -22.60 -23.03 18.66
CA GLY A 30 -22.94 -22.02 19.70
C GLY A 30 -23.64 -20.78 19.16
N THR A 31 -23.59 -20.55 17.84
CA THR A 31 -24.01 -19.23 17.34
C THR A 31 -25.48 -19.16 16.90
N ILE A 32 -26.18 -18.12 17.33
CA ILE A 32 -27.43 -17.76 16.67
C ILE A 32 -27.47 -16.36 16.06
N LEU A 33 -28.19 -16.25 14.94
CA LEU A 33 -28.39 -15.01 14.20
C LEU A 33 -29.82 -14.45 14.37
N ILE A 34 -29.90 -13.23 14.89
CA ILE A 34 -31.17 -12.53 15.05
C ILE A 34 -31.34 -11.41 14.01
N ASP A 35 -32.36 -11.51 13.16
CA ASP A 35 -32.68 -10.46 12.21
C ASP A 35 -33.15 -9.19 12.85
N LEU A 36 -32.62 -8.06 12.43
CA LEU A 36 -33.11 -6.78 12.89
C LEU A 36 -34.15 -6.26 11.89
N SER A 37 -35.21 -5.64 12.41
CA SER A 37 -36.19 -5.01 11.56
C SER A 37 -35.60 -3.73 11.01
N PRO A 38 -35.91 -3.39 9.75
CA PRO A 38 -35.60 -2.07 9.22
C PRO A 38 -36.14 -0.90 10.08
N ASP A 39 -37.20 -1.14 10.85
CA ASP A 39 -37.75 -0.11 11.77
C ASP A 39 -36.94 0.09 13.06
N ASP A 40 -36.06 -0.84 13.38
CA ASP A 40 -35.29 -0.82 14.62
C ASP A 40 -34.17 0.21 14.53
N LYS A 41 -33.98 0.99 15.59
CA LYS A 41 -32.94 2.05 15.62
C LYS A 41 -31.52 1.47 15.50
N GLU A 42 -31.37 0.25 15.97
CA GLU A 42 -30.12 -0.45 15.89
C GLU A 42 -29.83 -0.84 14.42
N PHE A 43 -30.83 -1.35 13.72
CA PHE A 43 -30.70 -1.58 12.29
C PHE A 43 -30.25 -0.28 11.67
N GLN A 44 -30.99 0.79 11.97
CA GLN A 44 -30.74 2.07 11.31
C GLN A 44 -29.34 2.64 11.59
N SER A 45 -28.82 2.50 12.81
CA SER A 45 -27.51 3.10 13.09
C SER A 45 -26.38 2.25 12.49
N VAL A 46 -26.57 0.92 12.41
CA VAL A 46 -25.57 0.07 11.74
C VAL A 46 -25.60 0.34 10.24
N GLU A 47 -26.81 0.44 9.66
CA GLU A 47 -26.93 0.79 8.23
C GLU A 47 -26.25 2.11 7.97
N GLU A 48 -26.43 3.08 8.85
CA GLU A 48 -25.84 4.43 8.62
C GLU A 48 -24.28 4.40 8.64
N GLU A 49 -23.70 3.66 9.57
CA GLU A 49 -22.24 3.49 9.63
C GLU A 49 -21.70 2.74 8.41
N MET A 50 -22.44 1.74 7.93
CA MET A 50 -22.13 1.07 6.68
C MET A 50 -22.23 2.02 5.46
N GLN A 51 -23.33 2.75 5.36
CA GLN A 51 -23.54 3.64 4.20
C GLN A 51 -22.59 4.87 4.26
N SER A 52 -22.37 5.44 5.44
CA SER A 52 -21.68 6.73 5.57
C SER A 52 -20.16 6.59 5.54
N THR A 53 -19.65 5.35 5.60
CA THR A 53 -18.21 5.12 5.57
C THR A 53 -17.81 4.50 4.24
N VAL A 54 -18.68 4.56 3.23
CA VAL A 54 -18.30 4.21 1.85
C VAL A 54 -17.35 5.34 1.39
N ARG A 55 -16.26 4.96 0.77
CA ARG A 55 -15.43 5.94 0.07
C ARG A 55 -15.05 5.35 -1.27
N GLU A 56 -14.48 6.21 -2.12
CA GLU A 56 -13.81 5.77 -3.34
C GLU A 56 -12.45 5.15 -2.97
N HIS A 57 -12.04 4.18 -3.76
CA HIS A 57 -10.77 3.49 -3.51
C HIS A 57 -9.81 3.69 -4.61
N ARG A 58 -8.53 3.53 -4.30
CA ARG A 58 -7.48 3.97 -5.21
C ARG A 58 -7.35 3.01 -6.37
N ASP A 59 -8.01 1.86 -6.27
CA ASP A 59 -8.04 0.91 -7.38
C ASP A 59 -9.18 1.07 -8.41
N GLY A 60 -9.93 2.16 -8.29
CA GLY A 60 -11.07 2.45 -9.16
C GLY A 60 -12.19 1.42 -9.10
N GLY A 61 -12.24 0.58 -8.08
CA GLY A 61 -13.30 -0.44 -7.96
C GLY A 61 -12.88 -1.84 -8.32
N HIS A 62 -11.60 -2.01 -8.65
CA HIS A 62 -11.10 -3.27 -9.12
C HIS A 62 -11.35 -4.39 -8.15
N ALA A 63 -10.97 -4.19 -6.89
CA ALA A 63 -11.10 -5.23 -5.87
C ALA A 63 -12.55 -5.40 -5.46
N GLY A 64 -13.25 -4.30 -5.21
CA GLY A 64 -14.54 -4.38 -4.57
C GLY A 64 -15.75 -3.93 -5.36
N GLY A 65 -15.54 -3.44 -6.57
CA GLY A 65 -16.62 -3.01 -7.44
C GLY A 65 -16.87 -1.52 -7.41
N ILE A 66 -17.73 -1.07 -8.33
CA ILE A 66 -18.09 0.34 -8.48
C ILE A 66 -19.48 0.60 -7.87
N PHE A 67 -19.48 1.46 -6.85
CA PHE A 67 -20.70 1.77 -6.11
C PHE A 67 -20.49 2.97 -5.18
N ASN A 68 -21.55 3.69 -4.90
CA ASN A 68 -21.53 4.75 -3.90
C ASN A 68 -22.30 4.38 -2.66
N ARG A 69 -23.17 3.39 -2.78
CA ARG A 69 -23.99 2.97 -1.68
C ARG A 69 -24.41 1.50 -1.88
N TYR A 70 -24.98 0.94 -0.82
CA TYR A 70 -25.41 -0.44 -0.78
C TYR A 70 -26.92 -0.55 -0.78
N ASN A 71 -27.42 -1.69 -1.27
CA ASN A 71 -28.78 -2.15 -0.94
C ASN A 71 -28.61 -3.13 0.20
N ILE A 72 -28.99 -2.71 1.41
CA ILE A 72 -28.87 -3.55 2.58
C ILE A 72 -30.08 -4.48 2.53
N LEU A 73 -29.81 -5.78 2.44
CA LEU A 73 -30.86 -6.78 2.33
C LEU A 73 -31.23 -7.33 3.72
N LYS A 74 -30.25 -7.41 4.62
CA LYS A 74 -30.46 -7.98 5.95
C LYS A 74 -29.34 -7.56 6.95
N ILE A 75 -29.69 -7.31 8.21
CA ILE A 75 -28.68 -7.13 9.26
C ILE A 75 -29.01 -8.08 10.37
N GLN A 76 -28.10 -9.00 10.67
CA GLN A 76 -28.29 -9.98 11.74
C GLN A 76 -27.32 -9.72 12.88
N LYS A 77 -27.84 -9.72 14.09
CA LYS A 77 -27.00 -9.70 15.28
C LYS A 77 -26.43 -11.08 15.59
N VAL A 78 -25.13 -11.14 15.89
CA VAL A 78 -24.41 -12.41 16.10
C VAL A 78 -24.30 -12.67 17.59
N CYS A 79 -24.92 -13.74 18.07
N CYS A 79 -24.94 -13.73 18.07
CA CYS A 79 -24.92 -14.04 19.51
CA CYS A 79 -24.91 -14.05 19.50
C CYS A 79 -24.24 -15.38 19.76
C CYS A 79 -24.23 -15.39 19.74
N ASN A 80 -23.15 -15.37 20.52
CA ASN A 80 -22.40 -16.59 20.90
C ASN A 80 -21.67 -16.29 22.22
N LYS A 81 -22.12 -16.94 23.29
CA LYS A 81 -21.64 -16.66 24.65
C LYS A 81 -20.14 -16.92 24.82
N LYS A 82 -19.67 -18.07 24.38
CA LYS A 82 -18.28 -18.44 24.58
C LYS A 82 -17.39 -17.43 23.90
N LEU A 83 -17.71 -17.06 22.65
CA LEU A 83 -16.87 -16.13 21.92
C LEU A 83 -16.92 -14.74 22.58
N TRP A 84 -18.07 -14.34 23.10
CA TRP A 84 -18.18 -13.04 23.81
C TRP A 84 -17.32 -13.03 25.08
N GLU A 85 -17.36 -14.08 25.86
CA GLU A 85 -16.55 -14.11 27.09
C GLU A 85 -15.04 -14.16 26.83
N ARG A 86 -14.65 -14.80 25.74
CA ARG A 86 -13.26 -14.85 25.35
C ARG A 86 -12.78 -13.40 25.03
N TYR A 87 -13.66 -12.61 24.41
CA TYR A 87 -13.37 -11.24 24.06
C TYR A 87 -13.21 -10.37 25.31
N THR A 88 -14.20 -10.43 26.18
CA THR A 88 -14.20 -9.57 27.40
C THR A 88 -13.09 -9.94 28.40
N HIS A 89 -12.69 -11.20 28.43
CA HIS A 89 -11.54 -11.61 29.26
C HIS A 89 -10.28 -10.91 28.79
N ARG A 90 -10.05 -10.97 27.50
CA ARG A 90 -8.86 -10.35 26.96
C ARG A 90 -8.90 -8.81 27.08
N ARG A 91 -10.09 -8.23 26.94
CA ARG A 91 -10.30 -6.79 27.03
C ARG A 91 -9.86 -6.30 28.44
N LYS A 92 -10.27 -6.99 29.48
CA LYS A 92 -9.84 -6.63 30.84
C LYS A 92 -8.31 -6.69 31.02
N GLU A 93 -7.65 -7.69 30.45
CA GLU A 93 -6.19 -7.78 30.54
C GLU A 93 -5.50 -6.57 29.92
N VAL A 94 -5.92 -6.24 28.71
CA VAL A 94 -5.38 -5.11 27.99
C VAL A 94 -5.63 -3.85 28.79
N SER A 95 -6.87 -3.67 29.24
CA SER A 95 -7.25 -2.54 30.04
C SER A 95 -6.37 -2.33 31.31
N GLU A 96 -6.02 -3.42 31.98
CA GLU A 96 -5.16 -3.29 33.15
C GLU A 96 -3.70 -3.00 32.82
N GLU A 97 -3.28 -3.29 31.59
CA GLU A 97 -1.92 -2.94 31.17
C GLU A 97 -1.88 -1.51 30.57
N ASN A 98 -3.01 -0.80 30.61
CA ASN A 98 -3.16 0.47 29.90
C ASN A 98 -4.07 1.45 30.65
N HIS A 99 -3.70 1.73 31.89
CA HIS A 99 -4.42 2.65 32.77
C HIS A 99 -5.93 2.59 32.63
N ASN A 100 -6.45 1.37 32.69
CA ASN A 100 -7.90 1.10 32.62
C ASN A 100 -8.59 1.59 31.34
N HIS A 101 -7.90 1.48 30.22
CA HIS A 101 -8.47 1.93 28.96
C HIS A 101 -8.25 0.86 27.93
N ALA A 102 -9.35 0.19 27.55
CA ALA A 102 -9.32 -0.87 26.51
C ALA A 102 -9.13 -0.31 25.13
N ASN A 103 -9.54 0.95 24.93
CA ASN A 103 -9.50 1.58 23.64
C ASN A 103 -10.28 0.74 22.60
N GLU A 104 -11.59 0.56 22.86
CA GLU A 104 -12.46 -0.28 22.07
C GLU A 104 -13.13 0.52 20.95
N ARG A 105 -13.17 -0.09 19.76
CA ARG A 105 -13.77 0.51 18.56
C ARG A 105 -14.74 -0.49 17.89
N MET A 106 -15.62 0.03 17.03
CA MET A 106 -16.45 -0.79 16.13
C MET A 106 -15.92 -0.62 14.72
N LEU A 107 -15.53 -1.74 14.10
CA LEU A 107 -14.80 -1.77 12.88
C LEU A 107 -15.33 -2.88 11.96
N PHE A 108 -15.18 -2.69 10.68
CA PHE A 108 -15.59 -3.67 9.70
C PHE A 108 -14.51 -4.72 9.40
N HIS A 109 -14.95 -5.93 9.06
CA HIS A 109 -14.10 -6.99 8.55
C HIS A 109 -14.82 -7.73 7.42
N GLY A 110 -14.13 -7.90 6.30
CA GLY A 110 -14.71 -8.58 5.14
C GLY A 110 -13.88 -9.77 4.67
N SER A 111 -14.50 -10.92 4.46
CA SER A 111 -13.73 -12.07 4.00
C SER A 111 -14.59 -13.22 3.49
N PRO A 112 -13.97 -14.18 2.78
CA PRO A 112 -14.77 -15.35 2.44
C PRO A 112 -15.00 -16.26 3.63
N PHE A 113 -14.50 -15.90 4.83
CA PHE A 113 -14.60 -16.84 5.96
C PHE A 113 -15.58 -16.37 7.03
N VAL A 114 -16.44 -15.41 6.68
CA VAL A 114 -17.28 -14.76 7.66
C VAL A 114 -18.25 -15.77 8.23
N ASN A 115 -18.74 -16.68 7.40
CA ASN A 115 -19.64 -17.70 7.90
C ASN A 115 -18.86 -18.64 8.85
N ALA A 116 -17.56 -18.84 8.69
CA ALA A 116 -16.78 -19.54 9.74
C ALA A 116 -16.44 -18.70 11.01
N ILE A 117 -16.08 -17.43 10.83
CA ILE A 117 -15.77 -16.54 11.97
C ILE A 117 -16.95 -16.41 12.95
N ILE A 118 -18.15 -16.27 12.42
CA ILE A 118 -19.31 -16.13 13.31
C ILE A 118 -19.59 -17.38 14.16
N HIS A 119 -19.11 -18.54 13.71
CA HIS A 119 -19.32 -19.81 14.44
C HIS A 119 -18.15 -20.15 15.33
N LYS A 120 -16.92 -19.87 14.93
CA LYS A 120 -15.75 -20.31 15.72
C LYS A 120 -14.82 -19.19 16.19
N GLY A 121 -15.11 -17.95 15.78
CA GLY A 121 -14.36 -16.80 16.24
C GLY A 121 -13.13 -16.55 15.40
N PHE A 122 -12.50 -15.40 15.64
CA PHE A 122 -11.28 -15.04 14.94
C PHE A 122 -10.09 -15.86 15.45
N ASP A 123 -9.29 -16.41 14.54
CA ASP A 123 -7.98 -17.02 14.90
C ASP A 123 -6.94 -16.84 13.75
N GLU A 124 -5.78 -17.47 13.94
CA GLU A 124 -4.70 -17.61 12.91
C GLU A 124 -5.17 -17.73 11.46
N ARG A 125 -6.25 -18.46 11.21
CA ARG A 125 -6.70 -18.68 9.83
C ARG A 125 -7.29 -17.43 9.18
N HIS A 126 -7.64 -16.42 9.98
CA HIS A 126 -8.25 -15.18 9.45
C HIS A 126 -7.27 -14.05 9.41
N ALA A 127 -6.00 -14.36 9.65
CA ALA A 127 -4.90 -13.40 9.54
C ALA A 127 -4.58 -13.12 8.10
N TYR A 128 -3.95 -11.99 7.88
CA TYR A 128 -3.49 -11.58 6.58
C TYR A 128 -1.98 -11.71 6.64
N ILE A 129 -1.48 -12.87 6.24
CA ILE A 129 -0.07 -13.19 6.42
C ILE A 129 0.80 -12.15 5.73
N GLY A 130 0.42 -11.71 4.53
CA GLY A 130 1.18 -10.70 3.79
C GLY A 130 0.75 -9.26 4.01
N GLY A 131 0.01 -8.98 5.09
CA GLY A 131 -0.45 -7.63 5.37
C GLY A 131 0.70 -6.71 5.74
N MET A 132 0.53 -5.42 5.50
CA MET A 132 1.62 -4.45 5.67
C MET A 132 2.08 -4.19 7.09
N PHE A 133 1.32 -4.63 8.09
CA PHE A 133 1.72 -4.47 9.49
C PHE A 133 2.03 -5.82 10.10
N GLY A 134 2.29 -6.79 9.25
CA GLY A 134 2.64 -8.12 9.68
C GLY A 134 1.41 -9.03 9.71
N ALA A 135 1.66 -10.29 10.04
CA ALA A 135 0.66 -11.32 9.99
C ALA A 135 -0.21 -11.16 11.23
N GLY A 136 -1.30 -10.43 11.09
CA GLY A 136 -2.36 -10.35 12.09
C GLY A 136 -3.72 -10.21 11.43
N ILE A 137 -4.73 -9.90 12.23
CA ILE A 137 -6.08 -9.84 11.72
C ILE A 137 -6.44 -8.37 11.55
N TYR A 138 -6.96 -8.03 10.36
CA TYR A 138 -7.10 -6.66 9.93
C TYR A 138 -8.56 -6.17 9.99
N PHE A 139 -8.72 -4.92 10.42
CA PHE A 139 -10.03 -4.23 10.50
C PHE A 139 -10.03 -2.82 9.91
N ALA A 140 -11.20 -2.37 9.43
CA ALA A 140 -11.31 -1.06 8.77
C ALA A 140 -12.39 -0.18 9.35
N GLU A 141 -12.11 1.13 9.40
CA GLU A 141 -13.15 2.13 9.64
C GLU A 141 -14.03 2.35 8.40
N ASN A 142 -13.46 2.22 7.20
CA ASN A 142 -14.28 2.32 5.99
C ASN A 142 -14.91 0.95 5.62
N SER A 143 -16.23 0.87 5.63
CA SER A 143 -16.94 -0.34 5.17
C SER A 143 -16.48 -0.77 3.76
N SER A 144 -16.33 0.20 2.87
CA SER A 144 -15.93 -0.11 1.51
C SER A 144 -14.50 -0.73 1.44
N LYS A 145 -13.67 -0.49 2.46
CA LYS A 145 -12.33 -1.14 2.52
C LYS A 145 -12.48 -2.63 2.78
N SER A 146 -13.26 -3.00 3.79
CA SER A 146 -13.52 -4.41 4.05
C SER A 146 -14.26 -5.07 2.87
N ASN A 147 -15.07 -4.33 2.14
CA ASN A 147 -15.78 -4.89 0.98
C ASN A 147 -14.81 -5.44 -0.06
N GLN A 148 -13.59 -4.90 -0.09
CA GLN A 148 -12.57 -5.32 -1.04
C GLN A 148 -12.00 -6.70 -0.76
N TYR A 149 -12.29 -7.23 0.41
CA TYR A 149 -11.73 -8.48 0.83
C TYR A 149 -12.79 -9.59 0.91
N VAL A 150 -14.05 -9.26 0.61
CA VAL A 150 -15.19 -10.21 0.74
C VAL A 150 -15.02 -11.49 -0.12
N TYR A 151 -14.50 -11.32 -1.33
CA TYR A 151 -14.27 -12.45 -2.24
C TYR A 151 -12.79 -12.90 -2.25
N GLY A 152 -11.99 -12.34 -1.34
CA GLY A 152 -10.59 -12.74 -1.16
C GLY A 152 -9.69 -11.53 -1.23
N ILE A 153 -8.39 -11.76 -1.04
CA ILE A 153 -7.37 -10.71 -1.10
C ILE A 153 -7.44 -10.09 -2.49
N GLY A 154 -7.47 -8.77 -2.57
CA GLY A 154 -7.64 -8.12 -3.87
C GLY A 154 -8.99 -8.41 -4.54
N GLY A 155 -9.95 -8.95 -3.77
CA GLY A 155 -11.24 -9.34 -4.32
C GLY A 155 -11.27 -10.70 -5.02
N GLY A 156 -10.15 -11.43 -5.02
CA GLY A 156 -10.12 -12.80 -5.54
C GLY A 156 -10.50 -12.82 -6.99
N THR A 157 -11.34 -13.78 -7.39
CA THR A 157 -11.88 -13.84 -8.76
C THR A 157 -13.33 -13.30 -8.80
N GLY A 158 -13.74 -12.58 -7.77
CA GLY A 158 -15.07 -12.01 -7.73
C GLY A 158 -16.10 -13.03 -7.26
N CYS A 159 -17.37 -12.73 -7.51
CA CYS A 159 -18.48 -13.57 -7.06
C CYS A 159 -18.36 -14.99 -7.62
N PRO A 160 -18.78 -16.00 -6.84
CA PRO A 160 -18.65 -17.38 -7.30
C PRO A 160 -19.47 -17.71 -8.56
N VAL A 161 -20.57 -17.00 -8.80
CA VAL A 161 -21.54 -17.41 -9.83
C VAL A 161 -21.28 -16.75 -11.16
N HIS A 162 -20.90 -15.47 -11.15
CA HIS A 162 -20.59 -14.75 -12.38
C HIS A 162 -19.11 -14.45 -12.57
N LYS A 163 -18.29 -14.76 -11.56
CA LYS A 163 -16.86 -14.37 -11.49
C LYS A 163 -16.66 -12.87 -11.71
N ASP A 164 -17.51 -12.08 -11.08
CA ASP A 164 -17.52 -10.65 -11.27
C ASP A 164 -17.23 -9.95 -9.91
N ARG A 165 -16.08 -9.29 -9.79
CA ARG A 165 -15.75 -8.50 -8.56
C ARG A 165 -16.68 -7.31 -8.32
N SER A 166 -17.37 -6.85 -9.37
CA SER A 166 -18.38 -5.80 -9.26
C SER A 166 -19.83 -6.32 -9.43
N CYS A 167 -20.08 -7.59 -9.14
CA CYS A 167 -21.45 -8.12 -9.33
C CYS A 167 -22.48 -7.28 -8.57
N TYR A 168 -23.57 -6.93 -9.24
CA TYR A 168 -24.70 -6.22 -8.60
C TYR A 168 -25.89 -7.09 -8.23
N ILE A 169 -25.78 -8.37 -8.54
CA ILE A 169 -26.88 -9.31 -8.36
C ILE A 169 -26.64 -10.16 -7.13
N CYS A 170 -25.40 -10.63 -6.98
CA CYS A 170 -25.06 -11.56 -5.94
C CYS A 170 -24.99 -10.87 -4.58
N HIS A 171 -25.32 -11.64 -3.56
CA HIS A 171 -25.40 -11.18 -2.16
C HIS A 171 -24.06 -11.27 -1.55
N ARG A 172 -23.63 -10.18 -0.91
CA ARG A 172 -22.37 -10.13 -0.19
C ARG A 172 -22.61 -9.99 1.30
N GLN A 173 -21.59 -10.34 2.08
CA GLN A 173 -21.60 -10.22 3.56
C GLN A 173 -20.33 -9.64 4.21
N LEU A 174 -20.50 -8.67 5.10
CA LEU A 174 -19.44 -8.08 5.91
C LEU A 174 -19.73 -8.31 7.38
N LEU A 175 -18.68 -8.33 8.22
CA LEU A 175 -18.86 -8.17 9.68
C LEU A 175 -18.59 -6.76 10.21
N PHE A 176 -19.43 -6.32 11.15
CA PHE A 176 -19.21 -5.08 11.90
C PHE A 176 -18.86 -5.51 13.33
N CYS A 177 -17.60 -5.28 13.74
CA CYS A 177 -17.02 -5.95 14.91
C CYS A 177 -16.57 -5.00 16.04
N ARG A 178 -16.62 -5.51 17.25
CA ARG A 178 -16.09 -4.84 18.45
C ARG A 178 -14.65 -5.29 18.60
N VAL A 179 -13.70 -4.34 18.65
CA VAL A 179 -12.24 -4.64 18.60
C VAL A 179 -11.50 -3.89 19.71
N THR A 180 -10.70 -4.60 20.50
CA THR A 180 -9.92 -3.96 21.55
C THR A 180 -8.52 -3.59 21.05
N LEU A 181 -8.17 -2.32 21.12
CA LEU A 181 -6.89 -1.87 20.58
C LEU A 181 -5.81 -1.66 21.66
N GLY A 182 -6.22 -1.35 22.88
CA GLY A 182 -5.25 -1.07 23.96
C GLY A 182 -4.27 0.03 23.57
N LYS A 183 -3.01 -0.13 23.97
CA LYS A 183 -1.94 0.79 23.57
C LYS A 183 -1.56 0.41 22.15
N SER A 184 -2.00 1.23 21.19
CA SER A 184 -1.81 0.92 19.77
C SER A 184 -0.50 1.54 19.26
N PHE A 185 0.32 0.74 18.62
CA PHE A 185 1.51 1.26 17.99
C PHE A 185 1.12 2.05 16.75
N LEU A 186 1.48 3.33 16.71
CA LEU A 186 1.01 4.20 15.65
C LEU A 186 2.03 4.10 14.53
N GLN A 187 1.60 3.53 13.40
CA GLN A 187 2.40 3.42 12.22
C GLN A 187 1.85 4.41 11.23
N PHE A 188 2.66 5.39 10.85
CA PHE A 188 2.26 6.32 9.82
C PHE A 188 2.51 5.57 8.50
N SER A 189 1.70 5.82 7.48
CA SER A 189 1.77 4.97 6.29
C SER A 189 1.00 5.48 5.10
N ALA A 190 1.49 5.11 3.92
CA ALA A 190 0.84 5.41 2.64
C ALA A 190 0.47 4.10 1.94
N MET B 2 0.67 -16.27 13.62
CA MET B 2 0.70 -14.81 13.64
C MET B 2 1.96 -14.23 14.28
N ALA B 3 2.26 -12.98 13.91
CA ALA B 3 3.37 -12.24 14.53
C ALA B 3 2.93 -11.81 15.92
N HIS B 4 3.77 -11.05 16.61
CA HIS B 4 3.43 -10.48 17.90
C HIS B 4 3.26 -9.00 17.75
N SER B 5 2.56 -8.39 18.70
CA SER B 5 2.53 -6.94 18.82
C SER B 5 3.94 -6.39 19.04
N PRO B 6 4.18 -5.15 18.59
CA PRO B 6 5.43 -4.53 19.05
C PRO B 6 5.52 -4.58 20.58
N PRO B 7 6.72 -4.81 21.13
CA PRO B 7 6.82 -4.89 22.59
C PRO B 7 6.29 -3.62 23.28
N GLY B 8 5.59 -3.78 24.39
CA GLY B 8 4.90 -2.67 25.06
C GLY B 8 3.59 -2.16 24.43
N HIS B 9 2.99 -2.90 23.50
CA HIS B 9 1.77 -2.46 22.76
C HIS B 9 0.79 -3.61 22.55
N HIS B 10 -0.48 -3.33 22.22
CA HIS B 10 -1.52 -4.40 22.00
C HIS B 10 -2.14 -4.52 20.59
N SER B 11 -1.75 -3.62 19.71
CA SER B 11 -2.27 -3.54 18.35
C SER B 11 -1.40 -2.57 17.61
N VAL B 12 -1.64 -2.49 16.31
CA VAL B 12 -1.00 -1.55 15.47
C VAL B 12 -2.11 -0.75 14.78
N THR B 13 -1.88 0.56 14.68
CA THR B 13 -2.79 1.45 13.98
C THR B 13 -2.09 1.85 12.74
N GLY B 14 -2.73 1.56 11.61
CA GLY B 14 -2.28 2.01 10.31
C GLY B 14 -2.92 3.35 10.03
N ARG B 15 -2.15 4.41 10.23
N ARG B 15 -2.17 4.41 10.32
CA ARG B 15 -2.65 5.76 10.09
CA ARG B 15 -2.61 5.75 10.03
C ARG B 15 -2.37 6.31 8.68
C ARG B 15 -2.38 6.02 8.54
N PRO B 16 -3.43 6.49 7.85
CA PRO B 16 -3.18 6.89 6.47
C PRO B 16 -2.43 8.24 6.42
N SER B 17 -1.34 8.30 5.64
CA SER B 17 -0.49 9.51 5.47
C SER B 17 -0.33 9.95 3.99
N VAL B 18 -1.35 9.68 3.16
CA VAL B 18 -1.30 9.98 1.72
C VAL B 18 -2.73 10.23 1.23
N ASN B 19 -3.59 9.20 1.29
CA ASN B 19 -5.01 9.35 0.92
C ASN B 19 -5.72 10.10 2.05
N GLY B 20 -5.90 11.39 1.78
CA GLY B 20 -6.63 12.27 2.67
C GLY B 20 -8.05 11.84 3.03
N LEU B 21 -8.73 11.06 2.18
CA LEU B 21 -10.11 10.65 2.55
C LEU B 21 -10.19 9.29 3.27
N ALA B 22 -9.07 8.57 3.32
CA ALA B 22 -9.05 7.22 3.91
C ALA B 22 -9.14 7.33 5.42
N LEU B 23 -9.94 6.45 6.02
CA LEU B 23 -9.95 6.29 7.45
C LEU B 23 -8.90 5.22 7.85
N ALA B 24 -8.62 5.13 9.14
CA ALA B 24 -7.66 4.20 9.70
C ALA B 24 -8.04 2.73 9.53
N GLU B 25 -7.00 1.89 9.57
CA GLU B 25 -7.08 0.44 9.58
C GLU B 25 -6.29 -0.04 10.78
N TYR B 26 -6.64 -1.19 11.32
CA TYR B 26 -6.08 -1.65 12.58
C TYR B 26 -5.75 -3.13 12.50
N VAL B 27 -4.75 -3.54 13.28
CA VAL B 27 -4.28 -4.93 13.31
C VAL B 27 -4.11 -5.34 14.73
N ILE B 28 -4.70 -6.50 15.07
CA ILE B 28 -4.51 -7.15 16.35
C ILE B 28 -3.82 -8.48 16.05
N TYR B 29 -3.11 -8.98 17.05
CA TYR B 29 -2.26 -10.17 16.89
C TYR B 29 -2.77 -11.32 17.76
N ARG B 30 -4.00 -11.16 18.25
CA ARG B 30 -4.70 -12.15 19.06
CA ARG B 30 -4.70 -12.17 19.04
C ARG B 30 -6.17 -12.16 18.61
N GLY B 31 -6.69 -13.32 18.23
CA GLY B 31 -8.08 -13.44 17.80
C GLY B 31 -9.08 -13.03 18.86
N GLU B 32 -8.70 -13.20 20.12
CA GLU B 32 -9.53 -12.84 21.26
C GLU B 32 -9.77 -11.35 21.44
N GLN B 33 -9.04 -10.49 20.71
CA GLN B 33 -9.24 -9.02 20.77
C GLN B 33 -10.35 -8.45 19.84
N ALA B 34 -11.15 -9.33 19.21
CA ALA B 34 -12.27 -8.92 18.38
C ALA B 34 -13.47 -9.87 18.58
N TYR B 35 -14.67 -9.29 18.58
CA TYR B 35 -15.96 -10.04 18.58
C TYR B 35 -16.80 -9.65 17.35
N PRO B 36 -17.26 -10.62 16.55
CA PRO B 36 -18.06 -10.33 15.33
C PRO B 36 -19.54 -10.04 15.58
N GLU B 37 -19.93 -8.78 15.77
CA GLU B 37 -21.21 -8.43 16.36
C GLU B 37 -22.43 -8.35 15.44
N TYR B 38 -22.24 -7.85 14.21
CA TYR B 38 -23.29 -7.87 13.21
C TYR B 38 -22.82 -8.47 11.91
N LEU B 39 -23.69 -9.28 11.32
CA LEU B 39 -23.53 -9.83 9.97
C LEU B 39 -24.47 -9.04 9.02
N ILE B 40 -23.88 -8.40 8.02
CA ILE B 40 -24.63 -7.51 7.14
C ILE B 40 -24.63 -8.15 5.77
N THR B 41 -25.83 -8.36 5.22
CA THR B 41 -26.00 -8.93 3.90
C THR B 41 -26.50 -7.82 3.00
N TYR B 42 -25.88 -7.71 1.84
CA TYR B 42 -26.09 -6.53 1.04
C TYR B 42 -25.69 -6.78 -0.39
N GLN B 43 -26.10 -5.88 -1.28
CA GLN B 43 -25.60 -5.82 -2.62
C GLN B 43 -24.98 -4.44 -2.78
N ILE B 44 -23.87 -4.33 -3.50
CA ILE B 44 -23.43 -3.02 -3.95
C ILE B 44 -24.45 -2.57 -5.01
N MET B 45 -24.69 -1.27 -5.12
CA MET B 45 -25.72 -0.75 -6.04
C MET B 45 -25.09 -0.05 -7.22
N ARG B 46 -25.54 -0.37 -8.43
CA ARG B 46 -25.04 0.28 -9.63
C ARG B 46 -25.36 1.78 -9.58
N PRO B 47 -24.35 2.66 -9.65
CA PRO B 47 -24.66 4.09 -9.63
C PRO B 47 -25.50 4.52 -10.83
N GLU B 48 -26.26 5.60 -10.65
CA GLU B 48 -27.14 6.11 -11.70
C GLU B 48 -26.45 7.20 -12.50
N GLY C 30 -7.10 10.47 -13.13
CA GLY C 30 -7.49 9.27 -13.93
C GLY C 30 -6.62 8.05 -13.64
N THR C 31 -5.90 8.04 -12.53
CA THR C 31 -5.01 6.91 -12.21
C THR C 31 -5.72 5.89 -11.35
N ILE C 32 -5.56 4.62 -11.69
CA ILE C 32 -5.88 3.57 -10.75
C ILE C 32 -4.63 2.72 -10.40
N LEU C 33 -4.55 2.28 -9.15
CA LEU C 33 -3.44 1.45 -8.66
C LEU C 33 -3.99 0.06 -8.42
N ILE C 34 -3.35 -0.96 -8.97
CA ILE C 34 -3.76 -2.36 -8.82
C ILE C 34 -2.68 -3.13 -8.08
N ASP C 35 -3.03 -3.67 -6.92
CA ASP C 35 -2.07 -4.46 -6.12
C ASP C 35 -1.66 -5.74 -6.81
N LEU C 36 -0.36 -6.02 -6.85
CA LEU C 36 0.11 -7.32 -7.33
C LEU C 36 0.19 -8.27 -6.13
N SER C 37 -0.13 -9.55 -6.34
CA SER C 37 0.01 -10.54 -5.29
C SER C 37 1.48 -10.96 -5.18
N PRO C 38 1.97 -11.18 -3.95
CA PRO C 38 3.32 -11.73 -3.75
C PRO C 38 3.55 -13.10 -4.41
N ASP C 39 2.46 -13.82 -4.67
CA ASP C 39 2.54 -15.11 -5.36
C ASP C 39 2.65 -14.99 -6.86
N ASP C 40 2.35 -13.80 -7.38
CA ASP C 40 2.47 -13.46 -8.79
C ASP C 40 3.96 -13.43 -9.14
N LYS C 41 4.32 -13.95 -10.30
CA LYS C 41 5.69 -13.90 -10.77
C LYS C 41 6.13 -12.46 -11.03
N GLU C 42 5.19 -11.59 -11.39
CA GLU C 42 5.50 -10.18 -11.55
C GLU C 42 5.94 -9.46 -10.26
N PHE C 43 5.27 -9.74 -9.15
CA PHE C 43 5.69 -9.20 -7.85
C PHE C 43 7.12 -9.68 -7.55
N GLN C 44 7.34 -10.98 -7.70
CA GLN C 44 8.61 -11.60 -7.32
C GLN C 44 9.80 -11.02 -8.07
N SER C 45 9.55 -10.72 -9.33
CA SER C 45 10.57 -10.19 -10.20
C SER C 45 10.98 -8.76 -9.77
N VAL C 46 9.98 -7.91 -9.55
CA VAL C 46 10.21 -6.56 -9.03
C VAL C 46 10.92 -6.57 -7.64
N GLU C 47 10.51 -7.43 -6.73
CA GLU C 47 11.27 -7.59 -5.47
C GLU C 47 12.74 -8.04 -5.70
N GLU C 48 13.00 -9.01 -6.58
CA GLU C 48 14.39 -9.43 -6.81
C GLU C 48 15.26 -8.28 -7.36
N GLU C 49 14.68 -7.43 -8.20
CA GLU C 49 15.37 -6.22 -8.65
C GLU C 49 15.72 -5.29 -7.49
N MET C 50 14.76 -5.03 -6.62
CA MET C 50 15.01 -4.25 -5.37
C MET C 50 16.19 -4.79 -4.54
N GLN C 51 16.05 -6.05 -4.16
CA GLN C 51 16.97 -6.67 -3.21
C GLN C 51 18.36 -6.87 -3.78
N SER C 52 18.44 -7.29 -5.04
CA SER C 52 19.73 -7.69 -5.61
C SER C 52 20.56 -6.46 -5.95
N THR C 53 19.95 -5.26 -5.94
CA THR C 53 20.64 -4.05 -6.28
C THR C 53 21.00 -3.13 -5.10
N VAL C 54 20.91 -3.66 -3.89
CA VAL C 54 21.43 -2.98 -2.69
C VAL C 54 22.96 -3.05 -2.68
N ARG C 55 23.63 -1.95 -2.30
CA ARG C 55 25.07 -1.95 -2.12
C ARG C 55 25.45 -1.08 -0.91
N GLU C 56 26.73 -1.13 -0.52
CA GLU C 56 27.29 -0.21 0.47
C GLU C 56 27.54 1.17 -0.12
N HIS C 57 27.40 2.21 0.72
CA HIS C 57 27.53 3.58 0.30
C HIS C 57 28.68 4.21 1.07
N ARG C 58 29.39 5.12 0.42
CA ARG C 58 30.64 5.69 0.96
C ARG C 58 30.40 6.67 2.10
N ASP C 59 29.13 7.07 2.30
CA ASP C 59 28.75 7.91 3.42
C ASP C 59 28.54 7.13 4.72
N GLY C 60 28.91 5.85 4.69
CA GLY C 60 28.68 4.94 5.81
C GLY C 60 27.20 4.80 6.20
N GLY C 61 26.26 5.19 5.34
CA GLY C 61 24.81 5.15 5.69
C GLY C 61 24.14 6.48 6.02
N HIS C 62 24.90 7.57 6.02
CA HIS C 62 24.40 8.87 6.43
C HIS C 62 23.11 9.33 5.79
N ALA C 63 22.98 9.21 4.47
CA ALA C 63 21.82 9.71 3.72
C ALA C 63 20.61 8.76 3.80
N GLY C 64 20.85 7.48 3.57
CA GLY C 64 19.79 6.50 3.37
C GLY C 64 19.64 5.45 4.44
N GLY C 65 20.58 5.42 5.37
CA GLY C 65 20.60 4.47 6.47
C GLY C 65 21.60 3.34 6.32
N ILE C 66 21.76 2.57 7.40
CA ILE C 66 22.64 1.42 7.42
C ILE C 66 21.79 0.15 7.18
N PHE C 67 22.00 -0.54 6.07
CA PHE C 67 21.18 -1.75 5.74
C PHE C 67 21.79 -2.57 4.59
N ASN C 68 21.52 -3.87 4.58
CA ASN C 68 21.92 -4.78 3.52
C ASN C 68 20.74 -5.24 2.65
N ARG C 69 19.52 -5.04 3.11
CA ARG C 69 18.33 -5.52 2.42
C ARG C 69 17.03 -4.81 2.90
N TYR C 70 15.95 -5.04 2.16
CA TYR C 70 14.65 -4.42 2.47
C TYR C 70 13.61 -5.40 2.92
N ASN C 71 12.64 -4.87 3.63
CA ASN C 71 11.33 -5.52 3.77
C ASN C 71 10.31 -4.90 2.77
N ILE C 72 9.93 -5.65 1.74
CA ILE C 72 8.96 -5.17 0.74
C ILE C 72 7.51 -5.37 1.24
N LEU C 73 6.75 -4.29 1.36
CA LEU C 73 5.40 -4.30 1.95
C LEU C 73 4.28 -4.36 0.93
N LYS C 74 4.48 -3.72 -0.24
CA LYS C 74 3.47 -3.71 -1.27
C LYS C 74 4.09 -3.31 -2.60
N ILE C 75 3.59 -3.92 -3.69
CA ILE C 75 3.91 -3.48 -5.04
C ILE C 75 2.60 -3.29 -5.82
N GLN C 76 2.41 -2.08 -6.32
CA GLN C 76 1.25 -1.72 -7.11
C GLN C 76 1.58 -1.32 -8.52
N LYS C 77 0.79 -1.83 -9.46
CA LYS C 77 0.80 -1.39 -10.84
C LYS C 77 0.05 -0.06 -10.99
N VAL C 78 0.65 0.93 -11.65
CA VAL C 78 0.04 2.26 -11.83
C VAL C 78 -0.59 2.30 -13.23
N CYS C 79 -1.89 2.59 -13.34
CA CYS C 79 -2.59 2.57 -14.63
C CYS C 79 -3.26 3.90 -14.87
N ASN C 80 -2.95 4.53 -15.98
CA ASN C 80 -3.50 5.83 -16.28
C ASN C 80 -3.40 5.99 -17.78
N LYS C 81 -4.55 5.94 -18.43
CA LYS C 81 -4.59 5.76 -19.88
C LYS C 81 -4.00 6.99 -20.55
N LYS C 82 -4.36 8.17 -20.08
CA LYS C 82 -3.74 9.40 -20.62
C LYS C 82 -2.23 9.46 -20.37
N LEU C 83 -1.77 9.12 -19.17
CA LEU C 83 -0.33 9.18 -18.88
C LEU C 83 0.44 8.14 -19.70
N TRP C 84 -0.18 6.99 -19.96
CA TRP C 84 0.39 5.92 -20.76
C TRP C 84 0.46 6.29 -22.22
N GLU C 85 -0.62 6.87 -22.74
CA GLU C 85 -0.67 7.30 -24.12
C GLU C 85 0.35 8.40 -24.34
N ARG C 86 0.46 9.30 -23.37
CA ARG C 86 1.52 10.29 -23.34
C ARG C 86 2.94 9.70 -23.39
N TYR C 87 3.22 8.66 -22.60
CA TYR C 87 4.54 7.99 -22.59
C TYR C 87 4.83 7.32 -23.94
N THR C 88 3.87 6.53 -24.45
CA THR C 88 4.05 5.76 -25.68
C THR C 88 4.11 6.61 -26.94
N HIS C 89 3.42 7.75 -26.94
CA HIS C 89 3.59 8.74 -28.00
C HIS C 89 4.99 9.27 -28.02
N ARG C 90 5.53 9.59 -26.83
CA ARG C 90 6.92 10.05 -26.73
C ARG C 90 7.92 8.94 -27.04
N ARG C 91 7.64 7.72 -26.58
CA ARG C 91 8.55 6.60 -26.88
C ARG C 91 8.66 6.37 -28.40
N LYS C 92 7.53 6.59 -29.10
CA LYS C 92 7.49 6.47 -30.56
C LYS C 92 8.43 7.48 -31.22
N GLU C 93 8.45 8.72 -30.72
CA GLU C 93 9.31 9.77 -31.26
C GLU C 93 10.77 9.46 -31.02
N VAL C 94 11.09 9.18 -29.76
CA VAL C 94 12.45 8.83 -29.40
C VAL C 94 12.92 7.60 -30.16
N SER C 95 12.07 6.57 -30.21
CA SER C 95 12.40 5.37 -30.91
C SER C 95 12.71 5.60 -32.39
N GLU C 96 11.85 6.36 -33.07
CA GLU C 96 12.10 6.68 -34.49
C GLU C 96 13.34 7.59 -34.65
N GLU C 97 13.54 8.54 -33.73
CA GLU C 97 14.78 9.35 -33.73
C GLU C 97 16.04 8.53 -33.43
N ASN C 98 15.91 7.40 -32.75
CA ASN C 98 17.07 6.56 -32.39
C ASN C 98 17.02 5.26 -33.21
N HIS C 99 16.47 5.38 -34.42
CA HIS C 99 16.52 4.35 -35.44
C HIS C 99 15.86 3.04 -35.01
N ASN C 100 14.61 3.17 -34.59
CA ASN C 100 13.79 2.07 -34.18
C ASN C 100 14.32 1.37 -32.90
N HIS C 101 14.88 2.15 -31.97
CA HIS C 101 15.43 1.63 -30.70
C HIS C 101 15.16 2.56 -29.54
N ALA C 102 14.09 2.28 -28.80
CA ALA C 102 13.68 3.08 -27.64
C ALA C 102 14.71 3.08 -26.50
N ASN C 103 15.48 1.99 -26.37
CA ASN C 103 16.49 1.83 -25.29
C ASN C 103 15.78 1.98 -23.97
N GLU C 104 14.71 1.20 -23.84
CA GLU C 104 13.80 1.30 -22.73
C GLU C 104 14.33 0.42 -21.59
N ARG C 105 14.45 1.00 -20.39
CA ARG C 105 14.91 0.32 -19.18
C ARG C 105 13.82 0.35 -18.13
N MET C 106 14.02 -0.46 -17.11
CA MET C 106 13.27 -0.35 -15.87
C MET C 106 14.28 0.12 -14.81
N LEU C 107 13.97 1.25 -14.16
CA LEU C 107 14.86 1.92 -13.22
C LEU C 107 14.15 2.49 -12.02
N PHE C 108 14.86 2.63 -10.91
CA PHE C 108 14.32 3.20 -9.67
C PHE C 108 14.31 4.70 -9.59
N HIS C 109 13.30 5.26 -8.92
CA HIS C 109 13.27 6.70 -8.60
C HIS C 109 12.65 6.92 -7.27
N GLY C 110 13.34 7.65 -6.40
CA GLY C 110 12.91 7.86 -5.01
C GLY C 110 12.84 9.34 -4.65
N SER C 111 11.70 9.80 -4.15
CA SER C 111 11.57 11.20 -3.73
C SER C 111 10.38 11.43 -2.85
N PRO C 112 10.33 12.60 -2.19
CA PRO C 112 9.10 12.97 -1.47
C PRO C 112 7.88 13.24 -2.36
N PHE C 113 7.97 13.11 -3.67
CA PHE C 113 6.85 13.51 -4.52
C PHE C 113 6.21 12.33 -5.27
N VAL C 114 6.47 11.09 -4.83
CA VAL C 114 6.01 9.94 -5.61
C VAL C 114 4.47 9.97 -5.72
N ASN C 115 3.78 10.50 -4.72
CA ASN C 115 2.31 10.48 -4.79
C ASN C 115 1.74 11.54 -5.75
N ALA C 116 2.46 12.62 -6.01
CA ALA C 116 2.10 13.54 -7.09
C ALA C 116 2.41 12.96 -8.48
N ILE C 117 3.57 12.28 -8.62
CA ILE C 117 3.98 11.63 -9.87
C ILE C 117 2.99 10.59 -10.45
N ILE C 118 2.48 9.73 -9.61
CA ILE C 118 1.58 8.70 -10.11
C ILE C 118 0.24 9.30 -10.65
N HIS C 119 -0.11 10.51 -10.22
CA HIS C 119 -1.36 11.15 -10.67
C HIS C 119 -1.17 12.08 -11.82
N LYS C 120 -0.15 12.92 -11.75
CA LYS C 120 0.07 13.96 -12.71
C LYS C 120 1.21 13.62 -13.69
N GLY C 121 2.06 12.65 -13.33
CA GLY C 121 3.21 12.26 -14.18
C GLY C 121 4.48 13.00 -13.78
N PHE C 122 5.59 12.61 -14.40
CA PHE C 122 6.86 13.32 -14.19
C PHE C 122 6.82 14.64 -14.92
N ASP C 123 7.39 15.67 -14.30
CA ASP C 123 7.68 16.97 -14.94
C ASP C 123 8.74 17.77 -14.14
N GLU C 124 8.98 19.01 -14.53
CA GLU C 124 10.06 19.83 -13.94
C GLU C 124 10.15 19.85 -12.40
N ARG C 125 9.04 19.65 -11.68
CA ARG C 125 9.09 19.66 -10.20
C ARG C 125 9.89 18.50 -9.61
N HIS C 126 10.11 17.48 -10.43
CA HIS C 126 10.78 16.26 -9.99
C HIS C 126 12.26 16.20 -10.38
N ALA C 127 12.77 17.31 -10.90
CA ALA C 127 14.19 17.42 -11.33
C ALA C 127 15.10 17.72 -10.16
N TYR C 128 16.34 17.25 -10.25
CA TYR C 128 17.36 17.48 -9.23
C TYR C 128 18.21 18.60 -9.77
N ILE C 129 18.00 19.82 -9.30
CA ILE C 129 18.61 21.00 -9.93
C ILE C 129 20.13 21.01 -9.76
N GLY C 130 20.62 20.57 -8.61
CA GLY C 130 22.05 20.56 -8.34
C GLY C 130 22.72 19.24 -8.60
N GLY C 131 22.08 18.36 -9.36
CA GLY C 131 22.67 17.04 -9.63
C GLY C 131 23.96 17.15 -10.44
N MET C 132 24.88 16.25 -10.16
CA MET C 132 26.14 16.10 -10.88
C MET C 132 26.03 16.05 -12.42
N PHE C 133 24.94 15.47 -12.94
CA PHE C 133 24.78 15.36 -14.39
C PHE C 133 23.75 16.36 -14.91
N GLY C 134 23.61 17.49 -14.23
CA GLY C 134 22.71 18.55 -14.65
C GLY C 134 21.31 18.42 -14.07
N ALA C 135 20.49 19.45 -14.29
CA ALA C 135 19.14 19.54 -13.74
C ALA C 135 18.15 18.71 -14.55
N GLY C 136 18.00 17.44 -14.21
CA GLY C 136 16.98 16.59 -14.87
C GLY C 136 16.39 15.65 -13.85
N ILE C 137 15.62 14.68 -14.32
CA ILE C 137 14.99 13.69 -13.47
C ILE C 137 15.92 12.46 -13.43
N TYR C 138 16.39 12.12 -12.23
CA TYR C 138 17.38 11.08 -11.98
C TYR C 138 16.75 9.71 -11.66
N PHE C 139 17.41 8.64 -12.14
CA PHE C 139 17.00 7.26 -11.94
C PHE C 139 18.21 6.39 -11.58
N ALA C 140 18.00 5.34 -10.80
CA ALA C 140 19.10 4.50 -10.34
C ALA C 140 18.88 3.03 -10.69
N GLU C 141 19.98 2.38 -11.13
CA GLU C 141 20.07 0.92 -11.20
C GLU C 141 20.20 0.31 -9.76
N ASN C 142 20.82 1.02 -8.83
CA ASN C 142 20.92 0.55 -7.45
C ASN C 142 19.69 1.08 -6.71
N SER C 143 18.83 0.19 -6.30
CA SER C 143 17.66 0.58 -5.50
C SER C 143 18.12 1.44 -4.29
N SER C 144 19.26 1.08 -3.72
CA SER C 144 19.78 1.73 -2.52
C SER C 144 20.28 3.15 -2.78
N LYS C 145 20.62 3.47 -4.04
CA LYS C 145 20.92 4.86 -4.40
C LYS C 145 19.63 5.70 -4.37
N SER C 146 18.56 5.22 -5.01
CA SER C 146 17.23 5.93 -4.96
C SER C 146 16.72 6.07 -3.53
N ASN C 147 16.97 5.05 -2.69
CA ASN C 147 16.66 5.14 -1.27
C ASN C 147 17.28 6.36 -0.58
N GLN C 148 18.48 6.75 -0.95
CA GLN C 148 19.10 7.95 -0.33
C GLN C 148 18.31 9.27 -0.57
N TYR C 149 17.37 9.27 -1.53
CA TYR C 149 16.59 10.49 -1.89
C TYR C 149 15.11 10.48 -1.47
N VAL C 150 14.64 9.36 -0.93
CA VAL C 150 13.23 9.21 -0.60
C VAL C 150 12.77 10.32 0.36
N TYR C 151 13.60 10.65 1.34
CA TYR C 151 13.30 11.75 2.25
C TYR C 151 13.90 13.10 1.90
N GLY C 152 14.41 13.26 0.67
CA GLY C 152 15.00 14.51 0.25
C GLY C 152 16.48 14.38 -0.11
N ILE C 153 17.05 15.43 -0.67
CA ILE C 153 18.47 15.46 -1.02
C ILE C 153 19.32 15.20 0.21
N GLY C 154 20.22 14.21 0.13
CA GLY C 154 21.08 13.89 1.27
C GLY C 154 20.33 13.17 2.37
N GLY C 155 19.11 12.72 2.05
CA GLY C 155 18.24 12.12 3.00
C GLY C 155 17.43 13.14 3.80
N GLY C 156 17.59 14.43 3.46
CA GLY C 156 16.94 15.51 4.19
C GLY C 156 17.20 15.39 5.67
N THR C 157 16.17 15.58 6.48
CA THR C 157 16.27 15.34 7.93
C THR C 157 15.68 13.96 8.27
N GLY C 158 15.55 13.10 7.26
CA GLY C 158 15.08 11.74 7.46
C GLY C 158 13.57 11.65 7.57
N CYS C 159 13.09 10.62 8.21
CA CYS C 159 11.66 10.34 8.24
C CYS C 159 10.91 11.49 8.93
N PRO C 160 9.67 11.80 8.48
CA PRO C 160 8.94 12.90 9.14
C PRO C 160 8.72 12.67 10.63
N VAL C 161 8.41 11.45 11.02
CA VAL C 161 8.06 11.15 12.42
C VAL C 161 9.26 11.22 13.37
N HIS C 162 10.40 10.61 13.02
CA HIS C 162 11.54 10.53 13.95
C HIS C 162 12.75 11.38 13.59
N LYS C 163 12.77 11.98 12.41
CA LYS C 163 13.95 12.72 11.94
C LYS C 163 15.19 11.82 11.89
N ASP C 164 15.02 10.63 11.35
CA ASP C 164 16.07 9.65 11.37
C ASP C 164 16.26 9.13 9.96
N ARG C 165 17.40 9.46 9.36
CA ARG C 165 17.68 9.02 8.01
C ARG C 165 17.83 7.50 7.93
N SER C 166 18.16 6.88 9.06
CA SER C 166 18.29 5.44 9.13
C SER C 166 17.10 4.74 9.79
N CYS C 167 15.93 5.35 9.76
CA CYS C 167 14.74 4.82 10.43
C CYS C 167 14.38 3.47 9.84
N TYR C 168 14.25 2.47 10.71
CA TYR C 168 13.81 1.11 10.38
C TYR C 168 12.29 0.89 10.54
N ILE C 169 11.59 1.90 11.06
CA ILE C 169 10.17 1.80 11.38
C ILE C 169 9.32 2.34 10.24
N CYS C 170 9.64 3.54 9.77
CA CYS C 170 8.75 4.24 8.86
C CYS C 170 8.76 3.70 7.43
N HIS C 171 7.58 3.74 6.82
CA HIS C 171 7.32 3.17 5.49
C HIS C 171 7.83 4.08 4.43
N ARG C 172 8.63 3.56 3.52
CA ARG C 172 9.20 4.33 2.44
C ARG C 172 8.54 3.91 1.14
N GLN C 173 8.53 4.83 0.18
CA GLN C 173 8.01 4.51 -1.14
C GLN C 173 9.02 4.90 -2.23
N LEU C 174 9.18 4.06 -3.23
N LEU C 174 9.19 3.99 -3.19
CA LEU C 174 9.87 4.48 -4.42
CA LEU C 174 10.01 4.13 -4.40
C LEU C 174 9.24 3.79 -5.63
C LEU C 174 9.14 3.84 -5.62
N LEU C 175 9.55 4.32 -6.79
CA LEU C 175 8.95 3.88 -8.05
C LEU C 175 9.93 3.02 -8.83
N PHE C 176 9.39 2.03 -9.55
CA PHE C 176 10.16 1.27 -10.49
C PHE C 176 9.49 1.63 -11.82
N CYS C 177 10.24 2.37 -12.62
CA CYS C 177 9.67 3.07 -13.78
C CYS C 177 10.17 2.56 -15.12
N ARG C 178 9.31 2.65 -16.11
CA ARG C 178 9.68 2.39 -17.49
C ARG C 178 10.29 3.70 -18.02
N VAL C 179 11.57 3.68 -18.36
CA VAL C 179 12.32 4.87 -18.73
C VAL C 179 12.86 4.70 -20.14
N THR C 180 12.44 5.57 -21.06
CA THR C 180 13.01 5.61 -22.40
C THR C 180 14.32 6.44 -22.38
N LEU C 181 15.45 5.81 -22.64
CA LEU C 181 16.77 6.50 -22.60
C LEU C 181 17.15 7.03 -23.96
N GLY C 182 16.68 6.34 -25.00
CA GLY C 182 17.07 6.61 -26.38
C GLY C 182 18.58 6.52 -26.54
N LYS C 183 19.13 7.45 -27.30
CA LYS C 183 20.60 7.64 -27.34
C LYS C 183 21.04 8.30 -26.05
N SER C 184 21.74 7.56 -25.19
CA SER C 184 22.13 8.07 -23.88
C SER C 184 23.62 8.48 -23.90
N PHE C 185 23.94 9.64 -23.33
CA PHE C 185 25.33 10.14 -23.23
C PHE C 185 26.04 9.57 -22.04
N LEU C 186 27.18 8.91 -22.27
CA LEU C 186 27.94 8.22 -21.20
C LEU C 186 28.91 9.13 -20.44
N GLN C 187 28.67 9.37 -19.17
CA GLN C 187 29.55 10.19 -18.34
C GLN C 187 30.16 9.33 -17.24
N PHE C 188 31.48 9.07 -17.27
CA PHE C 188 32.15 8.42 -16.13
C PHE C 188 32.23 9.43 -15.00
N SER C 189 32.08 8.96 -13.77
CA SER C 189 32.03 9.83 -12.63
C SER C 189 33.00 9.33 -11.59
N ALA C 190 33.64 10.25 -10.88
CA ALA C 190 34.71 9.89 -9.95
C ALA C 190 34.22 9.23 -8.65
N MET C 191 32.91 9.04 -8.52
CA MET C 191 32.33 8.28 -7.42
C MET C 191 32.65 6.78 -7.55
N MET D 2 14.69 23.27 -15.60
CA MET D 2 15.17 21.92 -16.07
C MET D 2 16.05 22.06 -17.32
N ALA D 3 17.23 21.44 -17.29
CA ALA D 3 18.17 21.45 -18.41
C ALA D 3 17.63 20.66 -19.60
N HIS D 4 18.41 20.61 -20.67
CA HIS D 4 18.09 19.79 -21.84
C HIS D 4 19.14 18.73 -21.94
N SER D 5 18.88 17.66 -22.70
CA SER D 5 19.88 16.61 -22.81
C SER D 5 20.97 17.09 -23.75
N PRO D 6 22.17 16.47 -23.64
CA PRO D 6 23.25 16.76 -24.58
C PRO D 6 22.75 16.69 -26.01
N PRO D 7 23.17 17.63 -26.89
CA PRO D 7 22.67 17.56 -28.26
C PRO D 7 22.77 16.14 -28.89
N GLY D 8 21.73 15.76 -29.60
CA GLY D 8 21.67 14.44 -30.22
C GLY D 8 21.43 13.30 -29.26
N HIS D 9 21.26 13.61 -27.97
CA HIS D 9 21.04 12.57 -26.94
C HIS D 9 19.71 12.76 -26.27
N HIS D 10 19.11 11.66 -25.83
CA HIS D 10 17.80 11.71 -25.18
C HIS D 10 17.88 11.54 -23.67
N SER D 11 19.09 11.35 -23.15
CA SER D 11 19.33 11.10 -21.73
C SER D 11 20.83 11.05 -21.41
N VAL D 12 21.19 11.02 -20.12
CA VAL D 12 22.59 10.85 -19.67
C VAL D 12 22.74 9.60 -18.81
N THR D 13 23.84 8.85 -19.02
CA THR D 13 24.26 7.70 -18.20
C THR D 13 25.48 8.11 -17.36
N GLY D 14 25.27 8.24 -16.05
CA GLY D 14 26.33 8.53 -15.09
C GLY D 14 26.85 7.23 -14.49
N ARG D 15 28.10 6.88 -14.75
CA ARG D 15 28.63 5.57 -14.43
C ARG D 15 29.86 5.68 -13.54
N PRO D 16 29.73 5.25 -12.27
CA PRO D 16 30.86 5.26 -11.32
C PRO D 16 32.14 4.53 -11.80
N SER D 17 33.29 5.17 -11.66
CA SER D 17 34.57 4.60 -12.08
C SER D 17 35.53 4.28 -10.93
N VAL D 18 35.23 4.69 -9.70
CA VAL D 18 36.13 4.49 -8.55
C VAL D 18 35.63 3.33 -7.73
N ASN D 19 34.37 3.40 -7.29
CA ASN D 19 33.72 2.25 -6.67
C ASN D 19 33.23 1.25 -7.73
N GLY D 20 33.96 0.14 -7.88
CA GLY D 20 33.63 -0.87 -8.91
C GLY D 20 32.38 -1.68 -8.62
N LEU D 21 31.78 -1.47 -7.45
CA LEU D 21 30.53 -2.11 -7.10
C LEU D 21 29.31 -1.19 -7.27
N ALA D 22 29.54 0.07 -7.61
CA ALA D 22 28.45 1.03 -7.75
C ALA D 22 27.88 0.99 -9.17
N LEU D 23 26.55 0.82 -9.30
CA LEU D 23 25.91 0.78 -10.63
C LEU D 23 25.59 2.17 -11.16
N ALA D 24 25.07 2.22 -12.38
CA ALA D 24 24.85 3.50 -13.04
C ALA D 24 23.62 4.26 -12.54
N GLU D 25 23.64 5.56 -12.83
CA GLU D 25 22.54 6.47 -12.59
C GLU D 25 22.19 7.09 -13.95
N TYR D 26 20.94 7.50 -14.16
CA TYR D 26 20.48 7.97 -15.46
C TYR D 26 19.62 9.21 -15.33
N VAL D 27 19.68 10.09 -16.33
CA VAL D 27 19.02 11.40 -16.22
C VAL D 27 18.27 11.60 -17.51
N ILE D 28 17.00 12.00 -17.39
CA ILE D 28 16.17 12.42 -18.51
C ILE D 28 15.72 13.86 -18.30
N TYR D 29 15.39 14.54 -19.39
CA TYR D 29 15.08 15.95 -19.30
C TYR D 29 13.65 16.25 -19.77
N ARG D 30 12.85 15.19 -19.92
CA ARG D 30 11.44 15.26 -20.32
C ARG D 30 10.65 14.29 -19.46
N GLY D 31 9.60 14.77 -18.81
CA GLY D 31 8.80 13.91 -17.96
C GLY D 31 8.07 12.81 -18.71
N GLU D 32 7.76 13.06 -19.98
CA GLU D 32 7.03 12.09 -20.81
C GLU D 32 7.83 10.85 -21.14
N GLN D 33 9.13 10.90 -20.85
CA GLN D 33 10.05 9.76 -21.09
C GLN D 33 10.15 8.74 -19.96
N ALA D 34 9.31 8.87 -18.95
CA ALA D 34 9.26 7.89 -17.88
C ALA D 34 7.77 7.59 -17.58
N TYR D 35 7.45 6.33 -17.38
CA TYR D 35 6.13 5.97 -16.87
C TYR D 35 6.37 5.31 -15.53
N PRO D 36 5.73 5.83 -14.46
CA PRO D 36 5.85 5.25 -13.12
C PRO D 36 4.98 3.98 -13.04
N GLU D 37 5.55 2.87 -13.42
CA GLU D 37 4.79 1.68 -13.69
C GLU D 37 4.45 0.91 -12.43
N TYR D 38 5.41 0.86 -11.49
CA TYR D 38 5.25 0.20 -10.19
C TYR D 38 5.54 1.14 -9.04
N LEU D 39 4.63 1.16 -8.08
CA LEU D 39 4.82 1.86 -6.81
C LEU D 39 5.14 0.80 -5.75
N ILE D 40 6.31 0.94 -5.14
CA ILE D 40 6.82 -0.02 -4.18
C ILE D 40 6.87 0.63 -2.81
N THR D 41 6.24 -0.02 -1.83
CA THR D 41 6.24 0.43 -0.44
C THR D 41 7.09 -0.54 0.37
N TYR D 42 8.01 -0.02 1.19
CA TYR D 42 9.03 -0.87 1.87
C TYR D 42 9.64 -0.22 3.11
N GLN D 43 10.39 -1.02 3.86
CA GLN D 43 11.28 -0.56 4.94
C GLN D 43 12.71 -1.05 4.69
N ILE D 44 13.70 -0.31 5.16
CA ILE D 44 15.09 -0.78 5.20
C ILE D 44 15.23 -1.63 6.45
N MET D 45 16.09 -2.64 6.44
CA MET D 45 16.24 -3.56 7.57
C MET D 45 17.56 -3.39 8.32
N ARG D 46 17.53 -3.36 9.66
CA ARG D 46 18.76 -3.28 10.45
C ARG D 46 19.61 -4.56 10.32
N PRO D 47 20.93 -4.48 10.00
CA PRO D 47 21.73 -5.70 9.88
C PRO D 47 21.86 -6.43 11.20
N GLU D 48 21.90 -7.76 11.20
CA GLU D 48 21.95 -8.53 12.45
C GLU D 48 23.28 -8.42 13.20
S SO4 E . -7.24 2.15 -1.11
O1 SO4 E . -5.93 1.79 -1.64
O2 SO4 E . -8.13 1.03 -0.86
O3 SO4 E . -6.85 2.72 0.18
O4 SO4 E . -7.90 3.28 -1.80
S SO4 F . -25.97 6.52 -6.73
O1 SO4 F . -24.56 6.96 -6.74
O2 SO4 F . -26.05 5.07 -6.44
O3 SO4 F . -26.67 7.30 -5.69
O4 SO4 F . -26.53 6.78 -8.09
CAM 20B G . -9.19 -11.02 5.53
CAL 20B G . -8.62 -12.29 5.30
OAR 20B G . -9.28 -13.41 5.68
CAP 20B G . -7.38 -12.43 4.65
CAO 20B G . -6.72 -11.27 4.27
CAN 20B G . -7.26 -10.00 4.51
CAK 20B G . -8.50 -9.84 5.14
CAI 20B G . -9.00 -8.52 5.38
OAJ 20B G . -8.07 -7.54 5.23
CAF 20B G . -8.28 -6.25 5.55
CAA 20B G . -7.23 -5.34 5.41
CAB 20B G . -7.45 -4.00 5.78
CAC 20B G . -8.71 -3.63 6.26
CAD 20B G . -9.76 -4.56 6.36
CAE 20B G . -9.55 -5.87 5.98
CAG 20B G . -10.58 -6.83 6.10
OAQ 20B G . -11.73 -6.47 6.40
CAH 20B G . -10.27 -8.16 5.84
ZN ZN H . -22.58 -12.56 -9.22
C1 GOL I . -3.13 13.29 5.10
O1 GOL I . -3.93 14.10 4.20
C2 GOL I . -2.43 14.17 6.13
O2 GOL I . -1.41 15.00 5.52
C3 GOL I . -3.46 15.07 6.80
O3 GOL I . -2.97 15.42 8.11
S SO4 J . 27.76 6.63 -2.47
O1 SO4 J . 28.50 5.39 -2.22
O2 SO4 J . 26.96 6.55 -3.72
O3 SO4 J . 26.84 6.92 -1.39
O4 SO4 J . 28.68 7.74 -2.57
S SO4 K . 21.54 -8.75 7.33
O1 SO4 K . 21.21 -9.96 6.53
O2 SO4 K . 20.42 -7.78 7.14
O3 SO4 K . 21.69 -9.04 8.79
O4 SO4 K . 22.80 -8.20 6.82
CAM 20B L . 14.65 13.35 -6.71
CAL 20B L . 14.15 14.64 -6.46
OAR 20B L . 12.80 14.90 -6.57
CAP 20B L . 15.01 15.69 -6.13
CAO 20B L . 16.38 15.43 -6.04
CAN 20B L . 16.88 14.15 -6.29
CAK 20B L . 16.03 13.09 -6.63
CAI 20B L . 16.60 11.81 -6.90
OAJ 20B L . 17.97 11.84 -7.12
CAF 20B L . 18.63 10.72 -7.52
CAA 20B L . 19.99 10.81 -7.83
CAB 20B L . 20.66 9.69 -8.29
CAC 20B L . 19.98 8.49 -8.43
CAD 20B L . 18.62 8.41 -8.12
CAE 20B L . 17.93 9.51 -7.62
CAG 20B L . 16.54 9.43 -7.32
OAQ 20B L . 15.94 8.33 -7.34
CAH 20B L . 15.87 10.60 -7.01
ZN ZN M . 10.68 7.11 11.29
#